data_7ZRU
#
_entry.id   7ZRU
#
_entity_poly.entity_id   1
_entity_poly.type   'polypeptide(L)'
_entity_poly.pdbx_seq_one_letter_code
;VDACYEACMHHHMNSDDCIEACKNPVPP
;
_entity_poly.pdbx_strand_id   A
#
# COMPACT_ATOMS: atom_id res chain seq x y z
N VAL A 1 0.04 -7.11 -9.72
CA VAL A 1 -0.14 -7.96 -8.52
C VAL A 1 -0.16 -7.11 -7.25
N ASP A 2 0.10 -5.82 -7.40
CA ASP A 2 0.16 -4.91 -6.26
C ASP A 2 -0.75 -3.70 -6.50
N ALA A 3 -2.03 -4.00 -6.76
CA ALA A 3 -3.02 -2.99 -7.05
C ALA A 3 -3.19 -2.01 -5.89
N CYS A 4 -3.18 -2.55 -4.67
CA CYS A 4 -3.32 -1.75 -3.47
C CYS A 4 -2.18 -0.74 -3.36
N TYR A 5 -0.97 -1.21 -3.64
CA TYR A 5 0.21 -0.35 -3.59
C TYR A 5 0.10 0.75 -4.64
N GLU A 6 -0.24 0.36 -5.86
CA GLU A 6 -0.40 1.31 -6.95
C GLU A 6 -1.50 2.32 -6.64
N ALA A 7 -2.53 1.87 -5.95
CA ALA A 7 -3.62 2.76 -5.56
C ALA A 7 -3.14 3.76 -4.51
N CYS A 8 -2.54 3.24 -3.44
CA CYS A 8 -2.03 4.07 -2.36
C CYS A 8 -1.01 5.09 -2.90
N MET A 9 -0.19 4.66 -3.84
CA MET A 9 0.87 5.50 -4.40
C MET A 9 0.27 6.73 -5.12
N HIS A 10 -1.02 6.69 -5.40
CA HIS A 10 -1.68 7.80 -6.09
C HIS A 10 -2.26 8.81 -5.11
N HIS A 11 -2.35 8.45 -3.83
CA HIS A 11 -2.83 9.39 -2.82
C HIS A 11 -1.75 9.68 -1.78
N HIS A 12 -0.71 8.84 -1.76
CA HIS A 12 0.37 8.97 -0.80
C HIS A 12 1.68 9.20 -1.54
N MET A 13 2.63 9.82 -0.86
CA MET A 13 3.94 10.08 -1.44
C MET A 13 5.03 9.34 -0.66
N ASN A 14 4.62 8.29 0.04
CA ASN A 14 5.54 7.48 0.81
C ASN A 14 5.30 6.01 0.50
N SER A 15 6.29 5.39 -0.15
CA SER A 15 6.19 4.01 -0.58
C SER A 15 6.11 3.04 0.60
N ASP A 16 6.95 3.25 1.59
CA ASP A 16 7.01 2.40 2.77
C ASP A 16 5.70 2.46 3.54
N ASP A 17 5.10 3.64 3.58
CA ASP A 17 3.80 3.80 4.22
C ASP A 17 2.74 2.99 3.48
N CYS A 18 2.82 2.99 2.15
CA CYS A 18 1.89 2.24 1.33
C CYS A 18 2.10 0.73 1.49
N ILE A 19 3.35 0.32 1.64
CA ILE A 19 3.65 -1.08 1.88
C ILE A 19 3.03 -1.54 3.20
N GLU A 20 3.18 -0.71 4.22
CA GLU A 20 2.60 -1.03 5.52
C GLU A 20 1.08 -0.86 5.51
N ALA A 21 0.58 0.01 4.64
CA ALA A 21 -0.84 0.22 4.49
C ALA A 21 -1.50 -1.00 3.84
N CYS A 22 -0.83 -1.59 2.87
CA CYS A 22 -1.33 -2.76 2.18
C CYS A 22 -0.69 -4.02 2.74
N LYS A 23 -0.19 -3.91 3.97
CA LYS A 23 0.50 -5.02 4.62
C LYS A 23 -0.51 -6.04 5.10
N ASN A 24 -1.55 -5.56 5.75
CA ASN A 24 -2.60 -6.41 6.28
C ASN A 24 -3.94 -6.04 5.66
N PRO A 25 -4.44 -6.86 4.71
CA PRO A 25 -5.67 -6.55 3.98
C PRO A 25 -6.93 -6.79 4.80
N VAL A 26 -6.82 -7.60 5.86
CA VAL A 26 -7.96 -7.92 6.70
C VAL A 26 -8.01 -6.99 7.92
N PRO A 27 -9.12 -6.25 8.10
CA PRO A 27 -9.30 -5.37 9.25
C PRO A 27 -9.41 -6.14 10.56
N PRO A 28 -8.51 -5.88 11.52
CA PRO A 28 -8.53 -6.52 12.84
C PRO A 28 -9.64 -5.95 13.72
N VAL A 1 2.80 -5.14 -10.64
CA VAL A 1 1.34 -4.97 -10.62
C VAL A 1 0.80 -5.26 -9.23
N ASP A 2 0.19 -4.26 -8.61
CA ASP A 2 -0.34 -4.39 -7.26
C ASP A 2 -1.36 -3.31 -7.02
N ALA A 3 -2.63 -3.70 -7.01
CA ALA A 3 -3.75 -2.78 -6.91
C ALA A 3 -3.67 -1.90 -5.67
N CYS A 4 -3.36 -2.51 -4.53
CA CYS A 4 -3.29 -1.78 -3.28
C CYS A 4 -2.16 -0.76 -3.32
N TYR A 5 -0.95 -1.22 -3.65
CA TYR A 5 0.21 -0.35 -3.63
C TYR A 5 0.12 0.75 -4.67
N GLU A 6 -0.24 0.38 -5.89
CA GLU A 6 -0.30 1.34 -6.98
C GLU A 6 -1.36 2.40 -6.70
N ALA A 7 -2.48 1.99 -6.11
CA ALA A 7 -3.52 2.94 -5.76
C ALA A 7 -3.03 3.88 -4.67
N CYS A 8 -2.57 3.30 -3.57
CA CYS A 8 -2.11 4.08 -2.42
C CYS A 8 -1.01 5.05 -2.82
N MET A 9 -0.09 4.57 -3.66
CA MET A 9 1.07 5.34 -4.06
C MET A 9 0.67 6.61 -4.83
N HIS A 10 -0.51 6.58 -5.44
CA HIS A 10 -0.98 7.72 -6.23
C HIS A 10 -1.92 8.61 -5.41
N HIS A 11 -2.33 8.15 -4.23
CA HIS A 11 -3.28 8.93 -3.43
C HIS A 11 -2.66 9.36 -2.10
N HIS A 12 -2.19 8.39 -1.31
CA HIS A 12 -1.63 8.69 0.00
C HIS A 12 -0.16 9.05 -0.12
N MET A 13 0.49 8.49 -1.13
CA MET A 13 1.91 8.74 -1.39
C MET A 13 2.77 8.12 -0.31
N ASN A 14 4.10 8.29 -0.42
CA ASN A 14 5.05 7.69 0.52
C ASN A 14 5.03 6.17 0.43
N SER A 15 5.95 5.65 -0.37
CA SER A 15 6.02 4.23 -0.70
C SER A 15 6.02 3.34 0.54
N ASP A 16 6.84 3.71 1.51
CA ASP A 16 7.02 2.90 2.73
C ASP A 16 5.70 2.73 3.46
N ASP A 17 4.95 3.81 3.60
CA ASP A 17 3.70 3.78 4.36
C ASP A 17 2.67 2.95 3.63
N CYS A 18 2.63 3.07 2.31
CA CYS A 18 1.72 2.30 1.49
C CYS A 18 2.05 0.81 1.57
N ILE A 19 3.33 0.49 1.65
CA ILE A 19 3.77 -0.89 1.81
C ILE A 19 3.22 -1.47 3.12
N GLU A 20 3.32 -0.69 4.19
CA GLU A 20 2.79 -1.12 5.48
C GLU A 20 1.26 -1.15 5.47
N ALA A 21 0.66 -0.23 4.73
CA ALA A 21 -0.79 -0.13 4.65
C ALA A 21 -1.38 -1.34 3.93
N CYS A 22 -0.68 -1.83 2.92
CA CYS A 22 -1.15 -2.98 2.16
C CYS A 22 -0.99 -4.28 2.94
N LYS A 23 -0.26 -4.22 4.05
CA LYS A 23 -0.14 -5.37 4.93
C LYS A 23 -1.36 -5.47 5.82
N ASN A 24 -2.18 -4.43 5.80
CA ASN A 24 -3.39 -4.37 6.61
C ASN A 24 -4.62 -4.35 5.71
N PRO A 25 -5.22 -5.52 5.47
CA PRO A 25 -6.42 -5.65 4.62
C PRO A 25 -7.68 -5.10 5.29
N VAL A 26 -7.66 -3.81 5.60
CA VAL A 26 -8.80 -3.15 6.21
C VAL A 26 -9.55 -2.31 5.18
N PRO A 27 -10.71 -2.82 4.72
CA PRO A 27 -11.54 -2.15 3.69
C PRO A 27 -11.97 -0.71 4.05
N PRO A 28 -12.47 -0.43 5.27
CA PRO A 28 -12.89 0.93 5.65
C PRO A 28 -11.70 1.89 5.72
N VAL A 1 1.77 -6.97 -10.56
CA VAL A 1 1.45 -5.60 -10.10
C VAL A 1 0.48 -5.66 -8.92
N ASP A 2 0.73 -4.83 -7.91
CA ASP A 2 -0.11 -4.81 -6.72
C ASP A 2 -1.04 -3.60 -6.76
N ALA A 3 -2.33 -3.90 -6.88
CA ALA A 3 -3.35 -2.87 -7.03
C ALA A 3 -3.39 -1.92 -5.84
N CYS A 4 -3.26 -2.47 -4.64
CA CYS A 4 -3.29 -1.66 -3.43
C CYS A 4 -2.15 -0.65 -3.43
N TYR A 5 -0.95 -1.14 -3.73
CA TYR A 5 0.24 -0.30 -3.77
C TYR A 5 0.09 0.82 -4.80
N GLU A 6 -0.27 0.43 -6.01
CA GLU A 6 -0.43 1.40 -7.11
C GLU A 6 -1.48 2.43 -6.77
N ALA A 7 -2.63 1.98 -6.28
CA ALA A 7 -3.72 2.87 -5.93
C ALA A 7 -3.31 3.80 -4.80
N CYS A 8 -2.71 3.21 -3.77
CA CYS A 8 -2.29 3.96 -2.60
C CYS A 8 -1.39 5.12 -2.98
N MET A 9 -0.44 4.85 -3.89
CA MET A 9 0.54 5.86 -4.27
C MET A 9 -0.08 6.97 -5.11
N HIS A 10 -1.34 6.82 -5.49
CA HIS A 10 -2.05 7.87 -6.22
C HIS A 10 -2.86 8.74 -5.25
N HIS A 11 -2.80 8.39 -3.98
CA HIS A 11 -3.45 9.18 -2.93
C HIS A 11 -2.39 9.73 -1.97
N HIS A 12 -1.58 8.83 -1.43
CA HIS A 12 -0.55 9.19 -0.47
C HIS A 12 0.81 8.71 -0.98
N MET A 13 1.83 9.52 -0.77
CA MET A 13 3.18 9.19 -1.22
C MET A 13 3.91 8.38 -0.15
N ASN A 14 5.23 8.21 -0.33
CA ASN A 14 6.06 7.42 0.56
C ASN A 14 5.71 5.93 0.44
N SER A 15 6.55 5.23 -0.31
CA SER A 15 6.37 3.81 -0.60
C SER A 15 6.20 3.00 0.68
N ASP A 16 6.99 3.32 1.69
CA ASP A 16 7.00 2.58 2.94
C ASP A 16 5.63 2.63 3.62
N ASP A 17 4.96 3.77 3.52
CA ASP A 17 3.65 3.94 4.14
C ASP A 17 2.63 3.04 3.46
N CYS A 18 2.63 3.04 2.13
CA CYS A 18 1.72 2.22 1.37
C CYS A 18 2.00 0.74 1.57
N ILE A 19 3.29 0.38 1.64
CA ILE A 19 3.68 -0.99 1.89
C ILE A 19 3.21 -1.43 3.27
N GLU A 20 3.32 -0.53 4.24
CA GLU A 20 2.89 -0.81 5.60
C GLU A 20 1.38 -1.05 5.65
N ALA A 21 0.63 -0.24 4.92
CA ALA A 21 -0.82 -0.32 4.93
C ALA A 21 -1.35 -1.51 4.12
N CYS A 22 -0.74 -1.78 2.98
CA CYS A 22 -1.26 -2.79 2.07
C CYS A 22 -0.94 -4.23 2.51
N LYS A 23 0.16 -4.43 3.22
CA LYS A 23 0.53 -5.77 3.63
C LYS A 23 -0.10 -6.12 4.97
N ASN A 24 -0.14 -7.41 5.28
CA ASN A 24 -0.67 -7.89 6.56
C ASN A 24 0.49 -8.22 7.50
N PRO A 25 0.87 -7.27 8.37
CA PRO A 25 2.04 -7.41 9.23
C PRO A 25 1.82 -8.33 10.42
N VAL A 26 1.71 -9.62 10.15
CA VAL A 26 1.64 -10.62 11.21
C VAL A 26 3.04 -10.96 11.73
N PRO A 27 4.02 -11.27 10.85
CA PRO A 27 5.39 -11.52 11.26
C PRO A 27 6.16 -10.21 11.41
N PRO A 28 6.82 -10.00 12.56
CA PRO A 28 7.61 -8.79 12.80
C PRO A 28 8.75 -8.63 11.79
N VAL A 1 1.48 -3.39 -11.66
CA VAL A 1 1.62 -4.47 -10.66
C VAL A 1 1.35 -3.92 -9.27
N ASP A 2 0.86 -4.78 -8.37
CA ASP A 2 0.48 -4.37 -7.02
C ASP A 2 -0.65 -3.35 -7.08
N ALA A 3 -1.85 -3.85 -7.39
CA ALA A 3 -3.03 -3.01 -7.51
C ALA A 3 -3.25 -2.18 -6.26
N CYS A 4 -3.16 -2.83 -5.12
CA CYS A 4 -3.31 -2.19 -3.82
C CYS A 4 -2.33 -1.03 -3.67
N TYR A 5 -1.09 -1.27 -4.09
CA TYR A 5 -0.03 -0.27 -3.98
C TYR A 5 -0.29 0.89 -4.94
N GLU A 6 -0.57 0.58 -6.20
CA GLU A 6 -0.77 1.60 -7.22
C GLU A 6 -1.97 2.48 -6.87
N ALA A 7 -2.94 1.89 -6.18
CA ALA A 7 -4.12 2.63 -5.74
C ALA A 7 -3.76 3.60 -4.62
N CYS A 8 -3.19 3.07 -3.55
CA CYS A 8 -2.89 3.87 -2.37
C CYS A 8 -1.81 4.91 -2.69
N MET A 9 -0.81 4.50 -3.45
CA MET A 9 0.35 5.34 -3.73
C MET A 9 -0.04 6.54 -4.58
N HIS A 10 -1.20 6.45 -5.21
CA HIS A 10 -1.70 7.54 -6.05
C HIS A 10 -2.16 8.70 -5.18
N HIS A 11 -2.60 8.39 -3.96
CA HIS A 11 -2.99 9.43 -3.02
C HIS A 11 -2.10 9.41 -1.79
N HIS A 12 -0.94 8.80 -1.93
CA HIS A 12 0.10 8.80 -0.90
C HIS A 12 1.41 9.27 -1.52
N MET A 13 2.47 9.33 -0.74
CA MET A 13 3.75 9.81 -1.25
C MET A 13 4.91 8.96 -0.74
N ASN A 14 4.71 8.32 0.40
CA ASN A 14 5.74 7.46 0.97
C ASN A 14 5.47 6.01 0.61
N SER A 15 6.41 5.41 -0.11
CA SER A 15 6.28 4.04 -0.58
C SER A 15 6.18 3.06 0.59
N ASP A 16 7.08 3.21 1.56
CA ASP A 16 7.12 2.33 2.71
C ASP A 16 5.83 2.44 3.52
N ASP A 17 5.25 3.63 3.50
CA ASP A 17 3.99 3.88 4.17
C ASP A 17 2.87 3.08 3.53
N CYS A 18 2.83 3.07 2.20
CA CYS A 18 1.83 2.30 1.47
C CYS A 18 2.03 0.81 1.66
N ILE A 19 3.29 0.39 1.70
CA ILE A 19 3.61 -1.01 1.92
C ILE A 19 3.11 -1.48 3.28
N GLU A 20 3.24 -0.63 4.29
CA GLU A 20 2.77 -0.94 5.63
C GLU A 20 1.24 -0.86 5.69
N ALA A 21 0.68 0.08 4.94
CA ALA A 21 -0.77 0.27 4.91
C ALA A 21 -1.45 -0.87 4.16
N CYS A 22 -0.71 -1.49 3.25
CA CYS A 22 -1.24 -2.54 2.40
C CYS A 22 -0.92 -3.92 2.99
N LYS A 23 -0.81 -3.98 4.31
CA LYS A 23 -0.65 -5.26 5.00
C LYS A 23 -2.00 -5.95 5.09
N ASN A 24 -2.34 -6.71 4.06
CA ASN A 24 -3.60 -7.42 4.00
C ASN A 24 -3.69 -8.47 5.12
N PRO A 25 -4.72 -8.38 5.97
CA PRO A 25 -4.96 -9.36 7.03
C PRO A 25 -5.15 -10.76 6.47
N VAL A 26 -4.15 -11.61 6.66
CA VAL A 26 -4.18 -12.95 6.11
C VAL A 26 -5.07 -13.87 6.97
N PRO A 27 -6.07 -14.51 6.34
CA PRO A 27 -6.96 -15.42 7.04
C PRO A 27 -6.37 -16.83 7.14
N PRO A 28 -6.93 -17.69 8.00
CA PRO A 28 -6.48 -19.07 8.14
C PRO A 28 -6.79 -19.90 6.89
N VAL A 1 4.63 -3.93 -9.15
CA VAL A 1 3.39 -4.40 -9.79
C VAL A 1 2.43 -4.94 -8.74
N ASP A 2 1.48 -4.11 -8.33
CA ASP A 2 0.51 -4.48 -7.30
C ASP A 2 -0.55 -3.40 -7.19
N ALA A 3 -1.79 -3.81 -7.40
CA ALA A 3 -2.91 -2.89 -7.46
C ALA A 3 -3.09 -2.09 -6.18
N CYS A 4 -2.94 -2.75 -5.03
CA CYS A 4 -3.13 -2.09 -3.74
C CYS A 4 -2.06 -1.01 -3.55
N TYR A 5 -0.81 -1.38 -3.80
CA TYR A 5 0.32 -0.47 -3.65
C TYR A 5 0.18 0.72 -4.61
N GLU A 6 -0.01 0.41 -5.89
CA GLU A 6 -0.03 1.45 -6.92
C GLU A 6 -1.24 2.37 -6.77
N ALA A 7 -2.36 1.82 -6.28
CA ALA A 7 -3.53 2.63 -6.03
C ALA A 7 -3.34 3.48 -4.77
N CYS A 8 -2.80 2.87 -3.74
CA CYS A 8 -2.55 3.55 -2.47
C CYS A 8 -1.61 4.75 -2.66
N MET A 9 -0.63 4.60 -3.56
CA MET A 9 0.32 5.67 -3.84
C MET A 9 -0.38 6.88 -4.48
N HIS A 10 -1.60 6.67 -4.98
CA HIS A 10 -2.38 7.76 -5.55
C HIS A 10 -3.00 8.61 -4.43
N HIS A 11 -3.11 8.01 -3.25
CA HIS A 11 -3.64 8.73 -2.09
C HIS A 11 -2.48 9.35 -1.31
N HIS A 12 -1.49 8.53 -1.01
CA HIS A 12 -0.28 9.01 -0.35
C HIS A 12 0.94 8.43 -1.06
N MET A 13 1.74 9.34 -1.62
CA MET A 13 2.84 8.96 -2.51
C MET A 13 4.08 8.53 -1.73
N ASN A 14 3.91 7.48 -0.94
CA ASN A 14 5.01 6.91 -0.19
C ASN A 14 5.23 5.47 -0.62
N SER A 15 6.37 4.90 -0.29
CA SER A 15 6.66 3.54 -0.69
C SER A 15 6.40 2.56 0.47
N ASP A 16 7.31 2.50 1.43
CA ASP A 16 7.19 1.57 2.55
C ASP A 16 5.94 1.87 3.36
N ASP A 17 5.70 3.15 3.58
CA ASP A 17 4.50 3.63 4.26
C ASP A 17 3.25 3.10 3.56
N CYS A 18 3.27 3.13 2.24
CA CYS A 18 2.14 2.64 1.44
C CYS A 18 2.03 1.12 1.55
N ILE A 19 3.17 0.45 1.43
CA ILE A 19 3.22 -1.01 1.47
C ILE A 19 2.65 -1.54 2.78
N GLU A 20 3.02 -0.88 3.88
CA GLU A 20 2.55 -1.29 5.19
C GLU A 20 1.13 -0.80 5.46
N ALA A 21 0.77 0.34 4.88
CA ALA A 21 -0.60 0.84 4.97
C ALA A 21 -1.58 -0.10 4.29
N CYS A 22 -1.08 -0.78 3.24
CA CYS A 22 -1.88 -1.76 2.51
C CYS A 22 -2.06 -3.03 3.34
N LYS A 23 -1.32 -3.14 4.45
CA LYS A 23 -1.43 -4.30 5.31
C LYS A 23 -2.56 -4.12 6.32
N ASN A 24 -3.16 -5.21 6.73
CA ASN A 24 -4.13 -5.20 7.80
C ASN A 24 -3.48 -5.76 9.06
N PRO A 25 -3.70 -5.14 10.23
CA PRO A 25 -3.11 -5.61 11.49
C PRO A 25 -3.67 -6.96 11.93
N VAL A 26 -2.98 -8.03 11.56
CA VAL A 26 -3.38 -9.36 11.99
C VAL A 26 -3.03 -9.60 13.46
N PRO A 27 -1.77 -9.34 13.88
CA PRO A 27 -1.36 -9.44 15.27
C PRO A 27 -1.27 -8.08 15.96
N PRO A 28 -2.34 -7.66 16.66
CA PRO A 28 -2.37 -6.39 17.36
C PRO A 28 -1.69 -6.47 18.72
N VAL A 1 5.17 -3.78 -8.22
CA VAL A 1 3.83 -3.24 -8.54
C VAL A 1 2.76 -4.09 -7.86
N ASP A 2 1.74 -3.43 -7.33
CA ASP A 2 0.65 -4.10 -6.66
C ASP A 2 -0.62 -3.26 -6.75
N ALA A 3 -1.78 -3.90 -6.76
CA ALA A 3 -3.04 -3.17 -6.89
C ALA A 3 -3.18 -2.13 -5.78
N CYS A 4 -3.06 -2.59 -4.53
CA CYS A 4 -3.18 -1.72 -3.38
C CYS A 4 -2.10 -0.65 -3.38
N TYR A 5 -0.93 -1.03 -3.86
CA TYR A 5 0.23 -0.15 -3.89
C TYR A 5 0.01 0.99 -4.89
N GLU A 6 -0.47 0.64 -6.07
CA GLU A 6 -0.75 1.64 -7.10
C GLU A 6 -1.96 2.49 -6.71
N ALA A 7 -2.87 1.88 -5.97
CA ALA A 7 -4.05 2.59 -5.49
C ALA A 7 -3.66 3.65 -4.46
N CYS A 8 -2.93 3.24 -3.44
CA CYS A 8 -2.53 4.15 -2.39
C CYS A 8 -1.62 5.24 -2.95
N MET A 9 -0.78 4.88 -3.91
CA MET A 9 0.12 5.85 -4.56
C MET A 9 -0.65 6.91 -5.34
N HIS A 10 -1.96 6.73 -5.50
CA HIS A 10 -2.77 7.72 -6.17
C HIS A 10 -3.17 8.82 -5.16
N HIS A 11 -3.10 8.48 -3.88
CA HIS A 11 -3.49 9.41 -2.82
C HIS A 11 -2.28 9.79 -1.97
N HIS A 12 -1.24 8.98 -2.04
CA HIS A 12 -0.03 9.18 -1.24
C HIS A 12 1.21 8.99 -2.11
N MET A 13 2.37 9.32 -1.58
CA MET A 13 3.63 9.12 -2.30
C MET A 13 4.66 8.43 -1.41
N ASN A 14 4.17 7.79 -0.35
CA ASN A 14 5.03 7.14 0.62
C ASN A 14 5.08 5.64 0.39
N SER A 15 6.24 5.14 -0.01
CA SER A 15 6.40 3.76 -0.38
C SER A 15 6.27 2.83 0.82
N ASP A 16 7.03 3.11 1.88
CA ASP A 16 7.04 2.24 3.06
C ASP A 16 5.68 2.22 3.73
N ASP A 17 5.07 3.39 3.81
CA ASP A 17 3.72 3.53 4.37
C ASP A 17 2.74 2.66 3.58
N CYS A 18 2.83 2.74 2.26
CA CYS A 18 1.98 1.95 1.38
C CYS A 18 2.24 0.46 1.55
N ILE A 19 3.51 0.07 1.60
CA ILE A 19 3.88 -1.33 1.71
C ILE A 19 3.40 -1.92 3.03
N GLU A 20 3.50 -1.13 4.09
CA GLU A 20 3.05 -1.57 5.41
C GLU A 20 1.53 -1.67 5.46
N ALA A 21 0.87 -0.67 4.89
CA ALA A 21 -0.59 -0.63 4.88
C ALA A 21 -1.18 -1.71 3.97
N CYS A 22 -0.49 -2.00 2.87
CA CYS A 22 -0.94 -3.01 1.92
C CYS A 22 -0.28 -4.34 2.22
N LYS A 23 0.23 -4.49 3.43
CA LYS A 23 0.85 -5.74 3.86
C LYS A 23 -0.22 -6.61 4.50
N ASN A 24 -0.97 -7.33 3.68
CA ASN A 24 -2.07 -8.14 4.15
C ASN A 24 -1.78 -9.63 3.93
N PRO A 25 -1.17 -10.30 4.92
CA PRO A 25 -0.94 -11.74 4.86
C PRO A 25 -2.25 -12.52 4.89
N VAL A 26 -3.28 -11.89 5.43
CA VAL A 26 -4.60 -12.48 5.48
C VAL A 26 -5.36 -12.24 4.17
N PRO A 27 -5.77 -13.32 3.49
CA PRO A 27 -6.53 -13.22 2.25
C PRO A 27 -7.89 -12.54 2.47
N PRO A 28 -8.18 -11.46 1.73
CA PRO A 28 -9.45 -10.73 1.84
C PRO A 28 -10.65 -11.62 1.53
N VAL A 1 1.78 -4.69 -10.77
CA VAL A 1 2.44 -5.14 -9.53
C VAL A 1 1.73 -4.56 -8.31
N ASP A 2 0.77 -5.33 -7.80
CA ASP A 2 0.00 -4.98 -6.61
C ASP A 2 -0.83 -3.71 -6.83
N ALA A 3 -2.10 -3.90 -7.17
CA ALA A 3 -3.02 -2.81 -7.42
C ALA A 3 -3.21 -1.93 -6.20
N CYS A 4 -3.24 -2.57 -5.03
CA CYS A 4 -3.42 -1.87 -3.76
C CYS A 4 -2.29 -0.87 -3.52
N TYR A 5 -1.07 -1.33 -3.74
CA TYR A 5 0.10 -0.48 -3.58
C TYR A 5 0.04 0.71 -4.52
N GLU A 6 -0.23 0.45 -5.79
CA GLU A 6 -0.32 1.51 -6.79
C GLU A 6 -1.48 2.45 -6.48
N ALA A 7 -2.54 1.89 -5.89
CA ALA A 7 -3.69 2.67 -5.50
C ALA A 7 -3.32 3.65 -4.39
N CYS A 8 -2.67 3.14 -3.37
CA CYS A 8 -2.23 3.96 -2.24
C CYS A 8 -1.32 5.08 -2.72
N MET A 9 -0.41 4.75 -3.65
CA MET A 9 0.53 5.72 -4.20
C MET A 9 -0.20 6.80 -4.99
N HIS A 10 -1.42 6.50 -5.41
CA HIS A 10 -2.22 7.46 -6.17
C HIS A 10 -2.96 8.38 -5.22
N HIS A 11 -3.12 7.93 -3.97
CA HIS A 11 -3.78 8.74 -2.95
C HIS A 11 -2.79 9.67 -2.27
N HIS A 12 -1.58 9.17 -2.04
CA HIS A 12 -0.53 9.98 -1.41
C HIS A 12 0.85 9.39 -1.70
N MET A 13 1.88 10.00 -1.15
CA MET A 13 3.25 9.50 -1.32
C MET A 13 3.58 8.48 -0.22
N ASN A 14 4.87 8.35 0.13
CA ASN A 14 5.29 7.41 1.17
C ASN A 14 5.09 5.96 0.72
N SER A 15 5.94 5.53 -0.20
CA SER A 15 5.83 4.21 -0.83
C SER A 15 5.88 3.08 0.19
N ASP A 16 6.92 3.06 1.00
CA ASP A 16 7.13 1.98 1.97
C ASP A 16 5.99 1.93 2.98
N ASP A 17 5.48 3.10 3.32
CA ASP A 17 4.34 3.21 4.22
C ASP A 17 3.13 2.53 3.62
N CYS A 18 2.89 2.80 2.34
CA CYS A 18 1.78 2.17 1.63
C CYS A 18 1.93 0.66 1.57
N ILE A 19 3.18 0.19 1.45
CA ILE A 19 3.46 -1.23 1.40
C ILE A 19 2.98 -1.91 2.69
N GLU A 20 3.33 -1.32 3.83
CA GLU A 20 2.95 -1.88 5.11
C GLU A 20 1.49 -1.60 5.43
N ALA A 21 1.02 -0.41 5.09
CA ALA A 21 -0.35 0.00 5.39
C ALA A 21 -1.38 -0.80 4.58
N CYS A 22 -0.99 -1.23 3.39
CA CYS A 22 -1.87 -2.04 2.56
C CYS A 22 -2.11 -3.41 3.19
N LYS A 23 -1.11 -3.91 3.91
CA LYS A 23 -1.22 -5.21 4.55
C LYS A 23 -1.74 -5.05 5.97
N ASN A 24 -1.35 -3.97 6.61
CA ASN A 24 -1.78 -3.67 7.97
C ASN A 24 -2.51 -2.33 7.99
N PRO A 25 -3.86 -2.35 7.93
CA PRO A 25 -4.66 -1.12 7.99
C PRO A 25 -4.31 -0.29 9.22
N VAL A 26 -4.07 -0.98 10.31
CA VAL A 26 -3.63 -0.34 11.54
C VAL A 26 -2.27 -0.91 11.96
N PRO A 27 -1.17 -0.33 11.46
CA PRO A 27 0.19 -0.78 11.78
C PRO A 27 0.44 -0.80 13.29
N PRO A 28 0.76 -1.98 13.85
CA PRO A 28 0.99 -2.13 15.30
C PRO A 28 2.23 -1.38 15.77
N VAL A 1 1.18 -6.11 -10.49
CA VAL A 1 -0.24 -6.16 -10.07
C VAL A 1 -0.39 -5.85 -8.57
N ASP A 2 0.25 -4.77 -8.14
CA ASP A 2 0.14 -4.31 -6.76
C ASP A 2 -1.01 -3.33 -6.66
N ALA A 3 -2.23 -3.85 -6.71
CA ALA A 3 -3.43 -3.02 -6.73
C ALA A 3 -3.46 -2.02 -5.59
N CYS A 4 -3.23 -2.51 -4.37
CA CYS A 4 -3.28 -1.66 -3.19
C CYS A 4 -2.19 -0.60 -3.23
N TYR A 5 -1.02 -0.98 -3.71
CA TYR A 5 0.12 -0.08 -3.76
C TYR A 5 -0.09 0.98 -4.83
N GLU A 6 -0.58 0.56 -5.98
CA GLU A 6 -0.85 1.47 -7.09
C GLU A 6 -1.97 2.44 -6.72
N ALA A 7 -2.97 1.95 -5.99
CA ALA A 7 -4.03 2.79 -5.50
C ALA A 7 -3.47 3.85 -4.57
N CYS A 8 -2.74 3.40 -3.55
CA CYS A 8 -2.11 4.29 -2.59
C CYS A 8 -1.27 5.35 -3.28
N MET A 9 -0.44 4.93 -4.23
CA MET A 9 0.52 5.83 -4.88
C MET A 9 -0.17 6.93 -5.67
N HIS A 10 -1.45 6.74 -5.98
CA HIS A 10 -2.19 7.74 -6.75
C HIS A 10 -2.77 8.82 -5.84
N HIS A 11 -2.83 8.55 -4.54
CA HIS A 11 -3.38 9.51 -3.60
C HIS A 11 -2.33 9.99 -2.60
N HIS A 12 -1.37 9.13 -2.33
CA HIS A 12 -0.32 9.44 -1.36
C HIS A 12 1.04 9.05 -1.92
N MET A 13 2.08 9.68 -1.38
CA MET A 13 3.45 9.35 -1.75
C MET A 13 4.11 8.57 -0.63
N ASN A 14 3.27 7.95 0.20
CA ASN A 14 3.74 7.15 1.32
C ASN A 14 4.06 5.72 0.88
N SER A 15 5.18 5.57 0.20
CA SER A 15 5.58 4.28 -0.34
C SER A 15 5.75 3.23 0.76
N ASP A 16 6.68 3.48 1.69
CA ASP A 16 7.00 2.51 2.73
C ASP A 16 5.79 2.21 3.60
N ASP A 17 5.03 3.26 3.91
CA ASP A 17 3.84 3.11 4.75
C ASP A 17 2.83 2.18 4.12
N CYS A 18 2.61 2.32 2.81
CA CYS A 18 1.65 1.49 2.11
C CYS A 18 2.23 0.11 1.79
N ILE A 19 3.55 0.00 1.72
CA ILE A 19 4.18 -1.30 1.56
C ILE A 19 4.00 -2.11 2.83
N GLU A 20 4.09 -1.45 3.97
CA GLU A 20 3.87 -2.12 5.25
C GLU A 20 2.38 -2.31 5.52
N ALA A 21 1.57 -1.34 5.10
CA ALA A 21 0.13 -1.43 5.26
C ALA A 21 -0.45 -2.53 4.38
N CYS A 22 0.14 -2.71 3.21
CA CYS A 22 -0.27 -3.76 2.30
C CYS A 22 0.94 -4.57 1.86
N LYS A 23 1.43 -5.40 2.77
CA LYS A 23 2.62 -6.20 2.51
C LYS A 23 2.21 -7.55 1.94
N ASN A 24 0.94 -7.67 1.57
CA ASN A 24 0.40 -8.90 0.99
C ASN A 24 1.13 -9.28 -0.31
N PRO A 25 1.27 -8.34 -1.28
CA PRO A 25 1.96 -8.65 -2.54
C PRO A 25 3.49 -8.51 -2.42
N VAL A 26 3.99 -8.62 -1.20
CA VAL A 26 5.42 -8.51 -0.94
C VAL A 26 5.96 -9.84 -0.41
N PRO A 27 6.49 -10.68 -1.31
CA PRO A 27 7.00 -12.01 -0.95
C PRO A 27 8.34 -11.93 -0.23
N PRO A 28 8.47 -12.61 0.92
CA PRO A 28 9.74 -12.68 1.66
C PRO A 28 10.88 -13.24 0.81
N VAL A 1 1.94 -8.07 -9.99
CA VAL A 1 0.77 -7.17 -9.92
C VAL A 1 0.62 -6.61 -8.50
N ASP A 2 0.63 -5.29 -8.38
CA ASP A 2 0.50 -4.63 -7.08
C ASP A 2 -0.64 -3.65 -7.12
N ALA A 3 -1.86 -4.18 -7.09
CA ALA A 3 -3.06 -3.37 -7.19
C ALA A 3 -3.18 -2.40 -6.02
N CYS A 4 -3.04 -2.91 -4.81
CA CYS A 4 -3.17 -2.11 -3.61
C CYS A 4 -2.07 -1.03 -3.58
N TYR A 5 -0.89 -1.40 -4.06
CA TYR A 5 0.24 -0.49 -4.07
C TYR A 5 -0.03 0.67 -5.01
N GLU A 6 -0.47 0.36 -6.23
CA GLU A 6 -0.77 1.41 -7.20
C GLU A 6 -1.93 2.27 -6.72
N ALA A 7 -2.91 1.64 -6.09
CA ALA A 7 -4.05 2.37 -5.54
C ALA A 7 -3.60 3.33 -4.46
N CYS A 8 -2.94 2.79 -3.45
CA CYS A 8 -2.45 3.57 -2.33
C CYS A 8 -1.51 4.68 -2.80
N MET A 9 -0.70 4.38 -3.80
CA MET A 9 0.30 5.32 -4.33
C MET A 9 -0.37 6.58 -4.90
N HIS A 10 -1.66 6.50 -5.20
CA HIS A 10 -2.37 7.64 -5.77
C HIS A 10 -2.76 8.62 -4.67
N HIS A 11 -2.75 8.17 -3.42
CA HIS A 11 -3.17 9.00 -2.31
C HIS A 11 -2.02 9.25 -1.32
N HIS A 12 -1.15 8.26 -1.19
CA HIS A 12 -0.02 8.36 -0.26
C HIS A 12 1.23 8.71 -1.03
N MET A 13 2.11 9.49 -0.40
CA MET A 13 3.32 9.96 -1.06
C MET A 13 4.52 9.08 -0.69
N ASN A 14 4.40 8.37 0.41
CA ASN A 14 5.47 7.48 0.86
C ASN A 14 5.20 6.05 0.43
N SER A 15 6.09 5.51 -0.39
CA SER A 15 5.98 4.16 -0.89
C SER A 15 6.03 3.13 0.24
N ASP A 16 6.92 3.36 1.20
CA ASP A 16 7.06 2.49 2.36
C ASP A 16 5.77 2.45 3.18
N ASP A 17 5.04 3.57 3.13
CA ASP A 17 3.79 3.69 3.87
C ASP A 17 2.73 2.81 3.22
N CYS A 18 2.76 2.74 1.90
CA CYS A 18 1.84 1.89 1.15
C CYS A 18 2.19 0.43 1.33
N ILE A 19 3.48 0.13 1.40
CA ILE A 19 3.93 -1.22 1.68
C ILE A 19 3.46 -1.67 3.06
N GLU A 20 3.50 -0.75 4.00
CA GLU A 20 3.03 -1.00 5.35
C GLU A 20 1.52 -1.21 5.36
N ALA A 21 0.80 -0.33 4.66
CA ALA A 21 -0.65 -0.36 4.61
C ALA A 21 -1.17 -1.60 3.90
N CYS A 22 -0.57 -1.92 2.77
CA CYS A 22 -1.03 -3.05 1.95
C CYS A 22 -0.43 -4.36 2.44
N LYS A 23 -0.06 -4.41 3.72
CA LYS A 23 0.41 -5.63 4.33
C LYS A 23 -0.66 -6.71 4.22
N ASN A 24 -0.24 -7.93 3.92
CA ASN A 24 -1.18 -9.03 3.78
C ASN A 24 -0.91 -10.10 4.84
N PRO A 25 -1.37 -9.88 6.07
CA PRO A 25 -1.17 -10.83 7.16
C PRO A 25 -2.01 -12.10 6.97
N VAL A 26 -1.58 -13.19 7.55
CA VAL A 26 -2.29 -14.45 7.44
C VAL A 26 -3.01 -14.81 8.73
N PRO A 27 -4.34 -14.66 8.76
CA PRO A 27 -5.15 -15.09 9.90
C PRO A 27 -5.37 -16.60 9.89
N PRO A 28 -4.82 -17.31 10.89
CA PRO A 28 -4.90 -18.78 10.96
C PRO A 28 -6.34 -19.29 10.99
N VAL A 1 -2.84 -10.14 -6.44
CA VAL A 1 -2.01 -9.01 -6.93
C VAL A 1 -2.00 -7.88 -5.91
N ASP A 2 -0.83 -7.30 -5.66
CA ASP A 2 -0.70 -6.20 -4.72
C ASP A 2 -1.07 -4.87 -5.36
N ALA A 3 -2.25 -4.83 -5.96
CA ALA A 3 -2.75 -3.64 -6.64
C ALA A 3 -3.00 -2.50 -5.66
N CYS A 4 -3.13 -2.86 -4.39
CA CYS A 4 -3.29 -1.88 -3.31
C CYS A 4 -2.15 -0.88 -3.33
N TYR A 5 -0.97 -1.33 -3.71
CA TYR A 5 0.21 -0.48 -3.74
C TYR A 5 0.04 0.63 -4.76
N GLU A 6 -0.40 0.25 -5.96
CA GLU A 6 -0.66 1.23 -7.01
C GLU A 6 -1.79 2.17 -6.61
N ALA A 7 -2.77 1.62 -5.90
CA ALA A 7 -3.90 2.39 -5.42
C ALA A 7 -3.45 3.42 -4.39
N CYS A 8 -2.67 2.96 -3.42
CA CYS A 8 -2.19 3.84 -2.35
C CYS A 8 -1.37 4.99 -2.92
N MET A 9 -0.62 4.71 -3.99
CA MET A 9 0.23 5.71 -4.62
C MET A 9 -0.59 6.88 -5.17
N HIS A 10 -1.88 6.66 -5.36
CA HIS A 10 -2.75 7.71 -5.88
C HIS A 10 -3.12 8.72 -4.79
N HIS A 11 -3.01 8.34 -3.53
CA HIS A 11 -3.34 9.25 -2.44
C HIS A 11 -2.14 9.54 -1.56
N HIS A 12 -1.08 8.74 -1.67
CA HIS A 12 0.10 8.94 -0.85
C HIS A 12 1.36 8.72 -1.68
N MET A 13 2.40 9.50 -1.40
CA MET A 13 3.65 9.44 -2.17
C MET A 13 4.68 8.54 -1.49
N ASN A 14 4.50 8.31 -0.20
CA ASN A 14 5.46 7.50 0.56
C ASN A 14 5.23 6.01 0.32
N SER A 15 6.22 5.38 -0.29
CA SER A 15 6.15 3.99 -0.68
C SER A 15 6.09 3.06 0.54
N ASP A 16 6.94 3.32 1.53
CA ASP A 16 7.04 2.47 2.71
C ASP A 16 5.69 2.37 3.43
N ASP A 17 5.02 3.51 3.59
CA ASP A 17 3.71 3.56 4.22
C ASP A 17 2.72 2.69 3.46
N CYS A 18 2.72 2.83 2.14
CA CYS A 18 1.81 2.07 1.29
C CYS A 18 2.12 0.58 1.33
N ILE A 19 3.41 0.26 1.38
CA ILE A 19 3.85 -1.13 1.46
C ILE A 19 3.36 -1.77 2.75
N GLU A 20 3.56 -1.06 3.85
CA GLU A 20 3.15 -1.55 5.16
C GLU A 20 1.62 -1.66 5.23
N ALA A 21 0.94 -0.65 4.73
CA ALA A 21 -0.51 -0.62 4.73
C ALA A 21 -1.08 -1.77 3.94
N CYS A 22 -0.57 -1.97 2.74
CA CYS A 22 -1.07 -3.02 1.85
C CYS A 22 -0.47 -4.38 2.19
N LYS A 23 0.36 -4.42 3.24
CA LYS A 23 0.95 -5.68 3.68
C LYS A 23 0.06 -6.33 4.73
N ASN A 24 -0.99 -5.61 5.12
CA ASN A 24 -1.97 -6.15 6.05
C ASN A 24 -2.85 -7.17 5.33
N PRO A 25 -2.84 -8.43 5.78
CA PRO A 25 -3.69 -9.48 5.20
C PRO A 25 -5.16 -9.23 5.50
N VAL A 26 -5.81 -8.46 4.63
CA VAL A 26 -7.23 -8.16 4.81
C VAL A 26 -8.05 -8.73 3.66
N PRO A 27 -9.21 -9.32 3.94
CA PRO A 27 -10.04 -9.97 2.93
C PRO A 27 -10.34 -9.09 1.70
N PRO A 28 -10.90 -7.86 1.88
CA PRO A 28 -11.23 -6.98 0.75
C PRO A 28 -9.99 -6.31 0.17
#